data_7PP1
#
_entry.id   7PP1
#
_cell.length_a   98.090
_cell.length_b   155.370
_cell.length_c   47.310
_cell.angle_alpha   90.000
_cell.angle_beta   111.480
_cell.angle_gamma   90.000
#
_symmetry.space_group_name_H-M   'C 1 2 1'
#
loop_
_entity.id
_entity.type
_entity.pdbx_description
1 polymer 'P2Y purinoceptor 12,Soluble cytochrome b562,P2Y purinoceptor 12'
2 non-polymer Selatogrel
3 non-polymer CHOLESTEROL
4 water water
#
_entity_poly.entity_id   1
_entity_poly.type   'polypeptide(L)'
_entity_poly.pdbx_seq_one_letter_code
;DYKDDDDGAPQAVDNLTSAPGNTSLCTRDYKITQVLFPLLYTVLFFVGLITNGLAMRIFFQIRSKSNFIIFLKNTVISDL
LMILTFPFKILSDAKLGTGPLRTFVCQVTSVIFYFTMYISISFLGLITIDRYQKTTRPFKTSNPKNLLGAKILSVVIWAF
MFLLSLPNMILTNRQPRDKNVKKCSFLKSEFGLVWHEIVNYICQVIFWINFLIVIVCYTLITKELYRSYVRTADLEDNWE
TLNDNLKVIEKADNAAQVKDALTKMRAAALDAQKATPPKLEDKSPDSPEMKDFRHGFDILVGQIDDALKLANEGKVKEAQ
AAAEQLKTTRNAYIQKYLRGVGKVPRKKVNVKVFIIIAVFFICFVPFHFARIPYTLSQTRDVFDCTAENTLFYVKESTLW
LTSLNACLNPFIYFFLCKSFRNSLISMLKCPNSATSLSQDNRKKEQDGGDPNEETPMGRPLEVLFQ
;
_entity_poly.pdbx_strand_id   AAA
#
# COMPACT_ATOMS: atom_id res chain seq x y z
N LEU A 25 -31.16 2.64 -31.84
CA LEU A 25 -30.69 1.34 -32.39
C LEU A 25 -30.61 0.31 -31.26
N CYS A 26 -30.26 0.78 -30.06
CA CYS A 26 -29.96 -0.07 -28.93
C CYS A 26 -30.53 0.54 -27.65
N THR A 27 -31.22 -0.28 -26.85
CA THR A 27 -32.04 0.21 -25.76
C THR A 27 -31.69 -0.50 -24.45
N ARG A 28 -31.61 0.29 -23.37
CA ARG A 28 -31.28 -0.24 -22.06
C ARG A 28 -32.32 0.20 -21.04
N ASP A 29 -32.40 -0.57 -19.94
CA ASP A 29 -33.28 -0.30 -18.83
C ASP A 29 -33.03 1.11 -18.32
N TYR A 30 -34.06 1.95 -18.33
CA TYR A 30 -33.90 3.33 -17.87
C TYR A 30 -33.87 3.38 -16.34
N LYS A 31 -34.30 2.29 -15.70
CA LYS A 31 -34.19 2.16 -14.25
C LYS A 31 -32.71 2.18 -13.85
N ILE A 32 -31.85 1.73 -14.76
CA ILE A 32 -30.41 1.67 -14.56
C ILE A 32 -29.75 2.88 -15.19
N THR A 33 -30.22 3.24 -16.40
CA THR A 33 -29.65 4.31 -17.19
C THR A 33 -29.91 5.67 -16.55
N GLN A 34 -31.18 5.93 -16.20
CA GLN A 34 -31.61 7.27 -15.87
C GLN A 34 -31.82 7.44 -14.36
N VAL A 35 -31.57 6.38 -13.59
CA VAL A 35 -31.86 6.41 -12.16
C VAL A 35 -30.67 5.93 -11.34
N LEU A 36 -30.35 4.62 -11.44
CA LEU A 36 -29.33 3.99 -10.61
C LEU A 36 -28.02 4.78 -10.68
N PHE A 37 -27.50 4.96 -11.90
CA PHE A 37 -26.24 5.64 -12.13
C PHE A 37 -26.28 7.07 -11.60
N PRO A 38 -27.25 7.92 -12.02
CA PRO A 38 -27.41 9.25 -11.42
C PRO A 38 -27.46 9.30 -9.90
N LEU A 39 -27.91 8.22 -9.26
CA LEU A 39 -27.99 8.19 -7.81
C LEU A 39 -26.61 7.83 -7.23
N LEU A 40 -26.01 6.79 -7.79
CA LEU A 40 -24.67 6.33 -7.47
C LEU A 40 -23.69 7.50 -7.49
N TYR A 41 -23.80 8.34 -8.53
CA TYR A 41 -22.97 9.52 -8.69
C TYR A 41 -23.35 10.60 -7.69
N THR A 42 -24.65 10.68 -7.34
CA THR A 42 -25.13 11.65 -6.36
C THR A 42 -24.52 11.33 -5.00
N VAL A 43 -24.57 10.04 -4.63
CA VAL A 43 -23.91 9.55 -3.44
C VAL A 43 -22.48 10.08 -3.41
N LEU A 44 -21.71 9.74 -4.45
CA LEU A 44 -20.30 10.10 -4.57
C LEU A 44 -20.12 11.61 -4.43
N PHE A 45 -21.02 12.39 -5.03
CA PHE A 45 -20.89 13.84 -5.06
C PHE A 45 -20.92 14.42 -3.65
N PHE A 46 -21.85 13.94 -2.82
CA PHE A 46 -22.00 14.45 -1.46
C PHE A 46 -20.89 13.91 -0.58
N VAL A 47 -20.86 12.58 -0.40
CA VAL A 47 -19.82 11.88 0.35
C VAL A 47 -18.46 12.51 0.01
N GLY A 48 -18.29 12.89 -1.26
CA GLY A 48 -17.04 13.40 -1.79
C GLY A 48 -16.82 14.88 -1.50
N LEU A 49 -17.90 15.65 -1.42
CA LEU A 49 -17.80 17.09 -1.22
C LEU A 49 -17.49 17.38 0.25
N ILE A 50 -18.08 16.59 1.15
CA ILE A 50 -17.91 16.84 2.58
C ILE A 50 -16.49 16.47 2.99
N THR A 51 -16.03 15.27 2.58
CA THR A 51 -14.75 14.74 3.02
C THR A 51 -13.61 15.58 2.45
N ASN A 52 -13.72 15.95 1.16
CA ASN A 52 -12.73 16.79 0.51
C ASN A 52 -12.90 18.24 0.94
N GLY A 53 -14.10 18.55 1.47
CA GLY A 53 -14.40 19.87 1.99
C GLY A 53 -13.55 20.17 3.21
N LEU A 54 -13.84 19.44 4.30
CA LEU A 54 -13.13 19.62 5.57
C LEU A 54 -11.66 19.21 5.41
N ALA A 55 -11.35 18.47 4.33
CA ALA A 55 -9.98 18.12 4.03
C ALA A 55 -9.19 19.37 3.68
N MET A 56 -9.76 20.22 2.81
CA MET A 56 -9.08 21.41 2.32
C MET A 56 -8.94 22.44 3.43
N ARG A 57 -9.83 22.35 4.43
CA ARG A 57 -9.77 23.26 5.57
C ARG A 57 -8.62 22.84 6.48
N ILE A 58 -8.36 21.53 6.54
CA ILE A 58 -7.30 20.96 7.35
C ILE A 58 -5.95 21.19 6.65
N PHE A 59 -5.96 21.05 5.32
CA PHE A 59 -4.73 21.04 4.53
C PHE A 59 -4.12 22.43 4.37
N PHE A 60 -4.95 23.47 4.47
CA PHE A 60 -4.40 24.82 4.45
C PHE A 60 -4.39 25.39 5.87
N GLN A 61 -4.45 24.50 6.86
CA GLN A 61 -4.10 24.82 8.23
C GLN A 61 -2.97 23.89 8.67
N ILE A 62 -2.20 23.43 7.68
CA ILE A 62 -0.99 22.64 7.86
C ILE A 62 0.05 23.17 6.88
N ARG A 63 1.20 23.60 7.40
CA ARG A 63 2.32 24.04 6.59
C ARG A 63 2.83 22.85 5.78
N SER A 64 3.23 23.13 4.54
CA SER A 64 3.72 22.10 3.64
C SER A 64 5.22 21.89 3.85
N LYS A 65 5.57 20.87 4.65
CA LYS A 65 6.94 20.68 5.08
C LYS A 65 7.54 19.39 4.51
N SER A 66 6.95 18.87 3.43
CA SER A 66 7.48 17.67 2.77
C SER A 66 6.84 17.47 1.39
N ASN A 67 7.45 16.59 0.59
CA ASN A 67 6.91 16.15 -0.69
C ASN A 67 5.46 15.69 -0.51
N PHE A 68 5.28 14.83 0.50
CA PHE A 68 4.07 14.06 0.71
C PHE A 68 2.88 14.99 0.95
N ILE A 69 2.96 15.82 2.00
CA ILE A 69 1.87 16.72 2.34
C ILE A 69 1.50 17.55 1.11
N ILE A 70 2.47 17.76 0.23
CA ILE A 70 2.31 18.62 -0.93
C ILE A 70 1.52 17.87 -2.01
N PHE A 71 1.89 16.61 -2.27
CA PHE A 71 1.19 15.81 -3.26
C PHE A 71 -0.25 15.57 -2.80
N LEU A 72 -0.41 15.24 -1.51
CA LEU A 72 -1.71 15.11 -0.88
C LEU A 72 -2.52 16.39 -1.09
N LYS A 73 -1.87 17.55 -0.98
CA LYS A 73 -2.56 18.84 -1.05
C LYS A 73 -3.12 19.04 -2.46
N ASN A 74 -2.37 18.59 -3.47
CA ASN A 74 -2.79 18.71 -4.86
C ASN A 74 -3.95 17.75 -5.13
N THR A 75 -4.00 16.66 -4.38
CA THR A 75 -5.02 15.64 -4.52
C THR A 75 -6.38 16.21 -4.12
N VAL A 76 -6.40 16.97 -3.01
CA VAL A 76 -7.58 17.67 -2.52
C VAL A 76 -8.21 18.47 -3.67
N ILE A 77 -7.36 19.15 -4.43
CA ILE A 77 -7.82 19.97 -5.54
C ILE A 77 -8.47 19.09 -6.59
N SER A 78 -7.67 18.21 -7.22
CA SER A 78 -8.13 17.42 -8.34
C SER A 78 -9.38 16.61 -7.97
N ASP A 79 -9.58 16.42 -6.66
CA ASP A 79 -10.76 15.73 -6.16
C ASP A 79 -11.98 16.64 -6.21
N LEU A 80 -11.79 17.91 -5.86
CA LEU A 80 -12.89 18.86 -5.87
C LEU A 80 -13.24 19.23 -7.32
N LEU A 81 -12.24 19.22 -8.21
CA LEU A 81 -12.49 19.40 -9.63
C LEU A 81 -13.27 18.22 -10.18
N MET A 82 -13.13 17.06 -9.53
CA MET A 82 -13.82 15.85 -9.96
C MET A 82 -15.28 15.91 -9.51
N ILE A 83 -15.49 16.21 -8.22
CA ILE A 83 -16.80 16.30 -7.60
C ILE A 83 -17.65 17.31 -8.38
N LEU A 84 -17.03 18.41 -8.82
CA LEU A 84 -17.74 19.52 -9.43
C LEU A 84 -18.13 19.21 -10.88
N THR A 85 -17.84 17.99 -11.33
CA THR A 85 -18.27 17.57 -12.66
C THR A 85 -19.43 16.58 -12.53
N PHE A 86 -19.63 16.05 -11.32
CA PHE A 86 -20.65 15.04 -11.08
C PHE A 86 -22.05 15.55 -11.42
N PRO A 87 -22.47 16.76 -10.95
CA PRO A 87 -23.82 17.25 -11.22
C PRO A 87 -24.20 17.20 -12.70
N PHE A 88 -23.26 17.63 -13.56
CA PHE A 88 -23.50 17.73 -14.99
C PHE A 88 -23.69 16.36 -15.62
N LYS A 89 -23.07 15.35 -15.00
CA LYS A 89 -23.18 13.96 -15.41
C LYS A 89 -24.48 13.39 -14.85
N ILE A 90 -24.86 13.84 -13.65
CA ILE A 90 -26.04 13.34 -12.96
C ILE A 90 -27.28 13.83 -13.70
N LEU A 91 -27.34 15.14 -13.97
CA LEU A 91 -28.52 15.72 -14.59
C LEU A 91 -28.66 15.22 -16.02
N SER A 92 -27.53 15.10 -16.74
CA SER A 92 -27.55 14.69 -18.12
C SER A 92 -28.10 13.26 -18.23
N ASP A 93 -27.52 12.34 -17.45
CA ASP A 93 -27.83 10.92 -17.53
C ASP A 93 -29.28 10.64 -17.12
N ALA A 94 -29.86 11.51 -16.30
CA ALA A 94 -31.23 11.34 -15.83
C ALA A 94 -32.19 12.18 -16.67
N LYS A 95 -31.70 12.60 -17.84
CA LYS A 95 -32.45 13.38 -18.83
C LYS A 95 -33.14 14.58 -18.17
N LEU A 96 -32.33 15.51 -17.64
CA LEU A 96 -32.79 16.80 -17.16
C LEU A 96 -31.98 17.90 -17.86
N LEU A 101 -25.22 24.74 -25.86
CA LEU A 101 -26.53 24.27 -25.32
C LEU A 101 -26.30 23.19 -24.27
N ARG A 102 -27.23 22.21 -24.21
CA ARG A 102 -27.24 21.22 -23.15
C ARG A 102 -26.21 20.13 -23.39
N THR A 103 -25.61 20.12 -24.59
CA THR A 103 -24.78 19.01 -25.04
C THR A 103 -23.30 19.40 -25.10
N PHE A 104 -23.00 20.69 -25.15
CA PHE A 104 -21.62 21.15 -25.24
C PHE A 104 -20.99 21.26 -23.86
N VAL A 105 -21.82 21.54 -22.85
CA VAL A 105 -21.37 21.60 -21.46
C VAL A 105 -21.03 20.18 -20.98
N CYS A 106 -21.54 19.19 -21.72
CA CYS A 106 -21.26 17.78 -21.47
C CYS A 106 -19.87 17.42 -21.98
N GLN A 107 -19.45 18.05 -23.09
CA GLN A 107 -18.16 17.78 -23.71
C GLN A 107 -17.03 18.44 -22.93
N VAL A 108 -17.36 19.58 -22.30
CA VAL A 108 -16.39 20.37 -21.56
C VAL A 108 -16.13 19.69 -20.21
N THR A 109 -17.19 19.44 -19.44
CA THR A 109 -17.08 18.93 -18.08
C THR A 109 -16.47 17.53 -18.07
N SER A 110 -16.75 16.75 -19.13
CA SER A 110 -16.22 15.40 -19.25
C SER A 110 -14.73 15.44 -19.52
N VAL A 111 -14.29 16.48 -20.26
CA VAL A 111 -12.88 16.76 -20.48
C VAL A 111 -12.24 17.09 -19.14
N ILE A 112 -12.87 18.01 -18.40
CA ILE A 112 -12.41 18.40 -17.07
C ILE A 112 -12.31 17.16 -16.17
N PHE A 113 -13.29 16.25 -16.30
CA PHE A 113 -13.26 15.01 -15.54
C PHE A 113 -12.03 14.19 -15.91
N TYR A 114 -11.84 13.97 -17.22
CA TYR A 114 -10.77 13.10 -17.70
C TYR A 114 -9.41 13.69 -17.34
N PHE A 115 -9.29 15.01 -17.52
CA PHE A 115 -8.19 15.81 -17.00
C PHE A 115 -7.99 15.46 -15.53
N THR A 116 -9.03 15.69 -14.72
CA THR A 116 -9.03 15.43 -13.30
C THR A 116 -8.50 14.03 -12.98
N MET A 117 -8.92 13.02 -13.76
CA MET A 117 -8.65 11.65 -13.37
C MET A 117 -7.17 11.33 -13.56
N TYR A 118 -6.60 11.77 -14.68
CA TYR A 118 -5.21 11.47 -15.02
C TYR A 118 -4.26 12.29 -14.14
N ILE A 119 -4.77 13.35 -13.51
CA ILE A 119 -4.02 14.10 -12.52
C ILE A 119 -3.94 13.28 -11.23
N SER A 120 -5.11 12.81 -10.77
CA SER A 120 -5.21 11.93 -9.62
C SER A 120 -4.25 10.76 -9.77
N ILE A 121 -4.20 10.18 -10.98
CA ILE A 121 -3.37 9.02 -11.30
C ILE A 121 -1.90 9.41 -11.22
N SER A 122 -1.58 10.64 -11.61
CA SER A 122 -0.20 11.10 -11.67
C SER A 122 0.37 11.30 -10.28
N PHE A 123 -0.40 12.01 -9.43
CA PHE A 123 -0.02 12.26 -8.05
C PHE A 123 0.03 10.96 -7.24
N LEU A 124 -0.87 10.02 -7.53
CA LEU A 124 -0.88 8.76 -6.79
C LEU A 124 0.43 8.01 -7.00
N GLY A 125 0.97 8.09 -8.22
CA GLY A 125 2.27 7.52 -8.55
C GLY A 125 3.40 8.16 -7.74
N LEU A 126 3.35 9.50 -7.64
CA LEU A 126 4.31 10.27 -6.86
C LEU A 126 4.21 9.90 -5.39
N ILE A 127 2.97 9.78 -4.90
CA ILE A 127 2.69 9.45 -3.50
C ILE A 127 3.23 8.05 -3.21
N THR A 128 3.00 7.12 -4.14
CA THR A 128 3.56 5.78 -4.07
C THR A 128 5.07 5.87 -3.89
N ILE A 129 5.75 6.54 -4.83
CA ILE A 129 7.20 6.68 -4.81
C ILE A 129 7.62 7.25 -3.47
N ASP A 130 7.07 8.42 -3.13
CA ASP A 130 7.38 9.14 -1.90
C ASP A 130 7.25 8.23 -0.68
N ARG A 131 6.14 7.47 -0.62
CA ARG A 131 5.90 6.56 0.48
C ARG A 131 6.90 5.41 0.45
N TYR A 132 7.21 4.90 -0.76
CA TYR A 132 8.15 3.79 -0.90
C TYR A 132 9.54 4.21 -0.41
N GLN A 133 9.89 5.49 -0.59
CA GLN A 133 11.21 5.99 -0.26
C GLN A 133 11.36 6.15 1.26
N LYS A 134 10.24 6.44 1.94
CA LYS A 134 10.24 6.61 3.38
C LYS A 134 10.24 5.25 4.08
N THR A 135 10.11 4.16 3.30
CA THR A 135 10.14 2.82 3.84
C THR A 135 11.47 2.16 3.50
N THR A 136 12.41 2.97 3.01
CA THR A 136 13.79 2.53 2.80
C THR A 136 14.72 3.52 3.49
N ARG A 137 14.21 4.13 4.56
CA ARG A 137 14.87 5.20 5.29
C ARG A 137 14.54 5.07 6.78
N PRO A 138 15.55 5.22 7.68
CA PRO A 138 15.34 5.14 9.12
C PRO A 138 13.99 5.70 9.62
N LYS A 145 15.98 20.94 -0.89
CA LYS A 145 16.08 20.28 -2.21
C LYS A 145 14.72 19.75 -2.64
N ASN A 146 13.80 19.62 -1.68
CA ASN A 146 12.56 18.88 -1.86
C ASN A 146 11.37 19.82 -2.05
N LEU A 147 10.97 20.51 -0.95
CA LEU A 147 9.72 21.25 -0.87
C LEU A 147 9.60 22.31 -1.97
N LEU A 148 10.68 22.55 -2.72
CA LEU A 148 10.71 23.53 -3.78
C LEU A 148 10.59 22.86 -5.15
N GLY A 149 11.20 21.68 -5.30
CA GLY A 149 11.13 20.91 -6.53
C GLY A 149 9.83 20.12 -6.63
N ALA A 150 9.23 19.85 -5.46
CA ALA A 150 7.98 19.13 -5.35
C ALA A 150 6.84 19.98 -5.92
N LYS A 151 6.87 21.28 -5.61
CA LYS A 151 5.86 22.22 -6.08
C LYS A 151 5.99 22.40 -7.58
N ILE A 152 7.23 22.39 -8.07
CA ILE A 152 7.53 22.59 -9.48
C ILE A 152 7.03 21.39 -10.29
N LEU A 153 7.26 20.18 -9.77
CA LEU A 153 6.88 18.96 -10.46
C LEU A 153 5.35 18.88 -10.53
N SER A 154 4.68 19.33 -9.45
CA SER A 154 3.24 19.50 -9.41
C SER A 154 2.76 20.34 -10.58
N VAL A 155 3.29 21.57 -10.66
CA VAL A 155 2.90 22.54 -11.69
C VAL A 155 3.13 21.95 -13.09
N VAL A 156 4.22 21.20 -13.26
CA VAL A 156 4.45 20.50 -14.52
C VAL A 156 3.27 19.56 -14.78
N ILE A 157 2.89 18.77 -13.76
CA ILE A 157 1.82 17.79 -13.91
C ILE A 157 0.57 18.49 -14.45
N TRP A 158 0.06 19.47 -13.70
CA TRP A 158 -1.16 20.19 -14.04
C TRP A 158 -1.08 20.71 -15.48
N ALA A 159 -0.07 21.55 -15.75
CA ALA A 159 0.08 22.25 -17.01
C ALA A 159 0.09 21.27 -18.18
N PHE A 160 0.78 20.15 -18.03
CA PHE A 160 0.92 19.18 -19.12
C PHE A 160 -0.40 18.45 -19.35
N MET A 161 -1.23 18.39 -18.30
CA MET A 161 -2.56 17.81 -18.43
C MET A 161 -3.50 18.82 -19.07
N PHE A 162 -3.42 20.08 -18.61
CA PHE A 162 -4.29 21.16 -19.06
C PHE A 162 -4.17 21.37 -20.57
N LEU A 163 -2.93 21.46 -21.07
CA LEU A 163 -2.73 21.71 -22.49
C LEU A 163 -2.84 20.40 -23.28
N LEU A 164 -3.22 19.32 -22.61
CA LEU A 164 -3.60 18.10 -23.31
C LEU A 164 -5.11 17.94 -23.26
N SER A 165 -5.74 18.73 -22.39
CA SER A 165 -7.19 18.74 -22.20
C SER A 165 -7.81 19.93 -22.93
N LEU A 166 -6.97 20.85 -23.42
CA LEU A 166 -7.43 22.08 -24.04
C LEU A 166 -8.05 21.82 -25.42
N PRO A 167 -7.37 21.11 -26.35
CA PRO A 167 -7.93 20.88 -27.68
C PRO A 167 -9.29 20.17 -27.70
N ASN A 168 -9.48 19.23 -26.77
CA ASN A 168 -10.70 18.44 -26.70
C ASN A 168 -11.90 19.34 -26.43
N MET A 169 -11.71 20.35 -25.57
CA MET A 169 -12.79 21.26 -25.23
C MET A 169 -12.73 22.51 -26.10
N ILE A 170 -11.71 22.58 -26.98
CA ILE A 170 -11.61 23.62 -27.99
C ILE A 170 -12.62 23.31 -29.10
N LEU A 171 -12.89 22.02 -29.30
CA LEU A 171 -13.89 21.57 -30.26
C LEU A 171 -15.13 21.10 -29.48
N LYS A 188 -17.17 21.27 -40.16
CA LYS A 188 -16.47 20.08 -39.62
C LYS A 188 -14.97 20.21 -39.91
N SER A 189 -14.16 19.69 -38.98
CA SER A 189 -12.70 19.63 -39.10
C SER A 189 -12.22 18.37 -38.39
N GLU A 190 -11.61 17.43 -39.15
CA GLU A 190 -11.37 16.08 -38.67
C GLU A 190 -9.93 15.91 -38.17
N PHE A 191 -9.31 17.02 -37.76
CA PHE A 191 -8.01 17.00 -37.10
C PHE A 191 -8.18 16.48 -35.67
N GLY A 192 -9.35 16.76 -35.10
CA GLY A 192 -9.62 16.58 -33.67
C GLY A 192 -9.99 15.15 -33.31
N LEU A 193 -10.63 14.43 -34.25
CA LEU A 193 -11.05 13.06 -33.99
C LEU A 193 -9.94 12.08 -34.36
N VAL A 194 -8.73 12.61 -34.58
CA VAL A 194 -7.50 11.84 -34.61
C VAL A 194 -6.61 12.33 -33.47
N TRP A 195 -6.93 13.53 -32.96
CA TRP A 195 -6.33 14.07 -31.75
C TRP A 195 -6.90 13.33 -30.52
N HIS A 196 -8.09 12.76 -30.69
CA HIS A 196 -8.71 11.94 -29.66
C HIS A 196 -7.91 10.65 -29.48
N GLU A 197 -7.40 10.13 -30.59
CA GLU A 197 -6.57 8.92 -30.58
C GLU A 197 -5.17 9.26 -30.07
N ILE A 198 -4.82 10.54 -30.11
CA ILE A 198 -3.56 11.03 -29.57
C ILE A 198 -3.64 11.00 -28.05
N VAL A 199 -4.62 11.75 -27.50
CA VAL A 199 -4.79 11.93 -26.07
C VAL A 199 -5.09 10.57 -25.43
N ASN A 200 -6.00 9.82 -26.05
CA ASN A 200 -6.37 8.49 -25.61
C ASN A 200 -5.12 7.61 -25.50
N TYR A 201 -4.16 7.84 -26.40
CA TYR A 201 -2.91 7.10 -26.40
C TYR A 201 -2.05 7.57 -25.22
N ILE A 202 -1.84 8.89 -25.13
CA ILE A 202 -1.07 9.50 -24.06
C ILE A 202 -1.56 8.96 -22.72
N CYS A 203 -2.88 8.95 -22.57
CA CYS A 203 -3.53 8.60 -21.32
C CYS A 203 -3.26 7.15 -20.96
N GLN A 204 -3.25 6.27 -21.98
CA GLN A 204 -2.94 4.87 -21.72
C GLN A 204 -1.52 4.80 -21.14
N VAL A 205 -0.62 5.58 -21.71
CA VAL A 205 0.77 5.56 -21.30
C VAL A 205 0.88 6.10 -19.88
N ILE A 206 0.18 7.22 -19.61
CA ILE A 206 0.16 7.80 -18.28
C ILE A 206 -0.27 6.76 -17.25
N PHE A 207 -1.40 6.08 -17.51
CA PHE A 207 -1.87 5.06 -16.59
C PHE A 207 -0.81 3.99 -16.39
N TRP A 208 -0.35 3.41 -17.51
CA TRP A 208 0.44 2.18 -17.47
C TRP A 208 1.80 2.42 -16.83
N ILE A 209 2.31 3.65 -16.96
CA ILE A 209 3.59 3.97 -16.37
C ILE A 209 3.42 4.06 -14.86
N ASN A 210 2.40 4.81 -14.43
CA ASN A 210 2.08 4.95 -13.02
C ASN A 210 1.63 3.61 -12.43
N PHE A 211 1.06 2.75 -13.27
CA PHE A 211 0.65 1.43 -12.80
C PHE A 211 1.89 0.60 -12.51
N LEU A 212 2.90 0.74 -13.39
CA LEU A 212 4.18 0.06 -13.26
C LEU A 212 4.87 0.54 -11.98
N ILE A 213 4.89 1.87 -11.79
CA ILE A 213 5.42 2.49 -10.60
C ILE A 213 4.83 1.80 -9.36
N VAL A 214 3.50 1.69 -9.33
CA VAL A 214 2.74 1.11 -8.24
C VAL A 214 3.15 -0.36 -8.07
N ILE A 215 3.19 -1.10 -9.17
CA ILE A 215 3.56 -2.51 -9.13
C ILE A 215 4.94 -2.64 -8.50
N VAL A 216 5.90 -1.84 -8.99
CA VAL A 216 7.28 -1.99 -8.58
C VAL A 216 7.41 -1.62 -7.10
N CYS A 217 6.98 -0.40 -6.75
CA CYS A 217 7.14 0.10 -5.40
C CYS A 217 6.53 -0.87 -4.38
N TYR A 218 5.35 -1.41 -4.69
CA TYR A 218 4.66 -2.27 -3.75
C TYR A 218 5.29 -3.67 -3.74
N THR A 219 5.96 -4.02 -4.85
CA THR A 219 6.72 -5.25 -4.94
C THR A 219 7.95 -5.15 -4.04
N LEU A 220 8.64 -4.01 -4.10
CA LEU A 220 9.82 -3.80 -3.27
C LEU A 220 9.42 -3.69 -1.79
N ILE A 221 8.25 -3.08 -1.52
CA ILE A 221 7.77 -2.94 -0.16
C ILE A 221 7.33 -4.29 0.39
N THR A 222 6.82 -5.17 -0.48
CA THR A 222 6.35 -6.48 -0.07
C THR A 222 7.53 -7.41 0.22
N LYS A 223 8.56 -7.37 -0.64
CA LYS A 223 9.76 -8.19 -0.44
C LYS A 223 10.45 -7.81 0.88
N GLU A 224 10.46 -6.52 1.22
CA GLU A 224 11.15 -6.03 2.41
C GLU A 224 10.38 -6.40 3.68
N LEU A 225 9.05 -6.25 3.64
CA LEU A 225 8.21 -6.54 4.79
C LEU A 225 8.18 -8.04 5.05
N TYR A 226 8.23 -8.83 3.97
CA TYR A 226 8.31 -10.29 4.10
C TYR A 226 9.63 -10.68 4.75
N ARG A 227 10.74 -10.17 4.22
CA ARG A 227 12.08 -10.41 4.72
C ARG A 227 12.13 -10.09 6.20
N SER A 228 11.58 -8.93 6.55
CA SER A 228 11.54 -8.45 7.93
C SER A 228 10.74 -9.39 8.81
N TYR A 229 9.70 -10.00 8.23
CA TYR A 229 8.82 -10.87 9.00
C TYR A 229 9.53 -12.20 9.27
N VAL A 230 10.19 -12.74 8.24
CA VAL A 230 10.75 -14.08 8.32
C VAL A 230 11.94 -14.07 9.29
N ARG A 231 12.69 -12.95 9.29
CA ARG A 231 13.86 -12.78 10.14
C ARG A 231 13.46 -12.87 11.61
N THR A 232 12.33 -12.21 11.94
CA THR A 232 11.84 -12.08 13.30
C THR A 232 11.14 -13.37 13.71
N ALA A 233 10.36 -13.93 12.78
CA ALA A 233 9.62 -15.15 13.00
C ALA A 233 10.58 -16.30 13.31
N ASP A 234 11.71 -16.33 12.58
CA ASP A 234 12.71 -17.37 12.72
C ASP A 234 13.43 -17.19 14.05
N LEU A 235 13.81 -15.95 14.35
CA LEU A 235 14.56 -15.66 15.56
C LEU A 235 13.74 -16.04 16.80
N GLU A 236 12.44 -15.77 16.75
CA GLU A 236 11.55 -16.15 17.84
C GLU A 236 11.47 -17.68 17.92
N ASP A 237 11.38 -18.32 16.75
CA ASP A 237 11.41 -19.76 16.62
C ASP A 237 12.62 -20.33 17.36
N ASN A 238 13.81 -19.76 17.06
CA ASN A 238 15.09 -20.20 17.60
C ASN A 238 15.01 -20.29 19.13
N TRP A 239 14.52 -19.22 19.77
CA TRP A 239 14.43 -19.16 21.22
C TRP A 239 13.38 -20.15 21.75
N GLU A 240 12.25 -20.23 21.03
CA GLU A 240 11.14 -21.08 21.44
C GLU A 240 11.59 -22.53 21.38
N THR A 241 12.45 -22.87 20.41
CA THR A 241 12.97 -24.22 20.27
C THR A 241 13.88 -24.55 21.45
N LEU A 242 14.70 -23.56 21.82
CA LEU A 242 15.66 -23.68 22.91
C LEU A 242 14.92 -24.08 24.18
N ASN A 243 13.81 -23.36 24.48
CA ASN A 243 13.09 -23.54 25.72
C ASN A 243 12.25 -24.82 25.66
N ASP A 244 11.83 -25.19 24.45
CA ASP A 244 10.94 -26.33 24.27
C ASP A 244 11.72 -27.63 24.46
N ASN A 245 12.98 -27.64 24.02
CA ASN A 245 13.78 -28.85 24.06
C ASN A 245 14.41 -29.02 25.44
N LEU A 246 14.39 -27.95 26.25
CA LEU A 246 14.82 -28.04 27.64
C LEU A 246 13.79 -28.80 28.46
N LYS A 247 12.51 -28.52 28.21
CA LYS A 247 11.40 -29.23 28.83
C LYS A 247 11.47 -30.71 28.43
N VAL A 248 11.75 -30.95 27.14
CA VAL A 248 11.93 -32.29 26.62
C VAL A 248 13.00 -33.00 27.44
N ILE A 249 14.12 -32.31 27.66
CA ILE A 249 15.24 -32.82 28.47
C ILE A 249 14.75 -33.12 29.88
N GLU A 250 14.00 -32.18 30.47
CA GLU A 250 13.50 -32.28 31.84
C GLU A 250 12.70 -33.56 32.03
N LYS A 251 11.91 -33.94 31.01
CA LYS A 251 11.01 -35.06 31.14
C LYS A 251 11.46 -36.21 30.25
N ALA A 252 12.75 -36.55 30.30
CA ALA A 252 13.32 -37.55 29.41
C ALA A 252 14.00 -38.66 30.20
N ASP A 253 14.02 -39.87 29.63
CA ASP A 253 14.52 -41.07 30.28
C ASP A 253 15.94 -41.36 29.83
N ASN A 254 16.10 -41.65 28.54
CA ASN A 254 17.31 -42.19 27.97
C ASN A 254 18.28 -41.08 27.57
N ALA A 255 19.45 -41.46 27.07
CA ALA A 255 20.47 -40.54 26.60
C ALA A 255 20.17 -40.08 25.18
N ALA A 256 19.33 -40.86 24.48
CA ALA A 256 18.98 -40.57 23.10
C ALA A 256 18.03 -39.38 23.03
N GLN A 257 17.16 -39.26 24.03
CA GLN A 257 16.19 -38.18 24.09
C GLN A 257 16.91 -36.87 24.42
N VAL A 258 17.91 -36.98 25.30
CA VAL A 258 18.67 -35.84 25.79
C VAL A 258 19.61 -35.36 24.69
N LYS A 259 20.22 -36.32 23.98
CA LYS A 259 21.18 -36.08 22.91
C LYS A 259 20.51 -35.32 21.75
N ASP A 260 19.24 -35.64 21.50
CA ASP A 260 18.50 -35.11 20.37
C ASP A 260 18.03 -33.69 20.68
N ALA A 261 17.43 -33.50 21.85
CA ALA A 261 16.91 -32.19 22.23
C ALA A 261 18.05 -31.19 22.32
N LEU A 262 19.21 -31.65 22.84
CA LEU A 262 20.37 -30.79 22.97
C LEU A 262 20.87 -30.38 21.59
N THR A 263 20.82 -31.33 20.65
CA THR A 263 21.21 -31.07 19.27
C THR A 263 20.34 -29.97 18.68
N LYS A 264 19.01 -30.06 18.87
CA LYS A 264 18.09 -29.02 18.43
C LYS A 264 18.37 -27.70 19.14
N MET A 265 18.72 -27.77 20.44
CA MET A 265 19.00 -26.60 21.23
C MET A 265 20.27 -25.89 20.73
N ARG A 266 21.33 -26.67 20.57
CA ARG A 266 22.61 -26.16 20.08
C ARG A 266 22.38 -25.44 18.76
N ALA A 267 21.68 -26.11 17.83
CA ALA A 267 21.42 -25.56 16.52
C ALA A 267 20.62 -24.26 16.63
N ALA A 268 19.57 -24.27 17.45
CA ALA A 268 18.70 -23.12 17.63
C ALA A 268 19.48 -21.96 18.21
N ALA A 269 20.31 -22.25 19.22
CA ALA A 269 21.11 -21.24 19.89
C ALA A 269 22.03 -20.56 18.87
N LEU A 270 22.76 -21.40 18.10
CA LEU A 270 23.72 -20.92 17.12
C LEU A 270 22.99 -20.13 16.04
N ASP A 271 21.78 -20.59 15.69
CA ASP A 271 20.93 -19.88 14.74
C ASP A 271 20.57 -18.51 15.31
N ALA A 272 20.14 -18.49 16.58
CA ALA A 272 19.82 -17.25 17.25
C ALA A 272 21.03 -16.33 17.21
N GLN A 273 22.21 -16.86 17.55
CA GLN A 273 23.43 -16.07 17.63
C GLN A 273 23.75 -15.44 16.27
N LYS A 274 23.65 -16.27 15.21
CA LYS A 274 23.85 -15.80 13.85
C LYS A 274 22.94 -14.61 13.59
N ALA A 275 21.67 -14.74 13.99
CA ALA A 275 20.63 -13.76 13.69
C ALA A 275 20.72 -12.54 14.60
N THR A 276 21.67 -12.55 15.55
CA THR A 276 21.78 -11.50 16.56
C THR A 276 23.22 -10.99 16.62
N PRO A 277 23.69 -10.21 15.61
CA PRO A 277 25.01 -9.58 15.68
C PRO A 277 25.08 -8.71 16.93
N PRO A 278 26.29 -8.43 17.46
CA PRO A 278 26.45 -7.60 18.67
C PRO A 278 25.98 -6.16 18.42
N LYS A 279 25.54 -5.50 19.49
CA LYS A 279 24.96 -4.16 19.40
C LYS A 279 26.04 -3.10 19.57
N LEU A 280 25.98 -2.08 18.71
CA LEU A 280 26.94 -0.98 18.67
C LEU A 280 26.70 -0.06 19.87
N GLU A 281 27.28 -0.43 21.01
CA GLU A 281 27.20 0.35 22.23
C GLU A 281 28.43 0.06 23.08
N ASP A 292 28.73 -7.58 25.68
CA ASP A 292 28.59 -8.98 26.15
C ASP A 292 27.40 -9.64 25.46
N PHE A 293 27.09 -9.16 24.24
CA PHE A 293 26.03 -9.71 23.41
C PHE A 293 26.61 -10.72 22.41
N ARG A 294 27.87 -11.11 22.66
CA ARG A 294 28.58 -12.13 21.90
C ARG A 294 29.11 -13.18 22.87
N HIS A 295 29.50 -12.73 24.07
CA HIS A 295 30.03 -13.59 25.12
C HIS A 295 28.89 -14.35 25.80
N GLY A 296 27.68 -13.77 25.74
CA GLY A 296 26.51 -14.41 26.31
C GLY A 296 26.18 -15.72 25.59
N PHE A 297 26.18 -15.65 24.26
CA PHE A 297 25.89 -16.78 23.40
C PHE A 297 26.92 -17.89 23.61
N ASP A 298 28.16 -17.49 23.89
CA ASP A 298 29.25 -18.41 24.19
C ASP A 298 28.94 -19.20 25.46
N ILE A 299 28.28 -18.54 26.42
CA ILE A 299 27.94 -19.20 27.67
C ILE A 299 26.83 -20.20 27.42
N LEU A 300 25.79 -19.76 26.71
CA LEU A 300 24.62 -20.60 26.51
C LEU A 300 25.00 -21.79 25.64
N VAL A 301 25.71 -21.52 24.54
CA VAL A 301 26.14 -22.60 23.66
C VAL A 301 27.10 -23.51 24.42
N GLY A 302 27.96 -22.88 25.24
CA GLY A 302 28.88 -23.59 26.10
C GLY A 302 28.18 -24.65 26.96
N GLN A 303 27.17 -24.22 27.71
CA GLN A 303 26.39 -25.09 28.58
C GLN A 303 25.76 -26.23 27.80
N ILE A 304 25.17 -25.88 26.64
CA ILE A 304 24.53 -26.83 25.75
C ILE A 304 25.56 -27.86 25.28
N ASP A 305 26.75 -27.38 24.92
CA ASP A 305 27.84 -28.22 24.47
C ASP A 305 28.29 -29.15 25.60
N ASP A 306 28.36 -28.60 26.82
CA ASP A 306 28.76 -29.35 27.99
C ASP A 306 27.76 -30.46 28.24
N ALA A 307 26.47 -30.07 28.26
CA ALA A 307 25.36 -31.00 28.45
C ALA A 307 25.42 -32.07 27.36
N LEU A 308 25.84 -31.69 26.16
CA LEU A 308 25.91 -32.60 25.02
C LEU A 308 27.01 -33.63 25.27
N LYS A 309 28.14 -33.16 25.80
CA LYS A 309 29.25 -34.04 26.09
C LYS A 309 28.83 -35.07 27.13
N LEU A 310 28.21 -34.59 28.21
CA LEU A 310 27.72 -35.45 29.28
C LEU A 310 26.77 -36.50 28.73
N ALA A 311 25.92 -36.08 27.77
CA ALA A 311 24.91 -36.94 27.18
C ALA A 311 25.55 -37.92 26.20
N ASN A 312 26.70 -37.53 25.63
CA ASN A 312 27.42 -38.40 24.72
C ASN A 312 28.25 -39.41 25.51
N GLU A 313 28.76 -38.99 26.67
CA GLU A 313 29.58 -39.84 27.52
C GLU A 313 28.70 -40.91 28.17
N GLY A 314 27.41 -40.61 28.31
CA GLY A 314 26.44 -41.59 28.78
C GLY A 314 25.65 -41.09 30.00
N LYS A 315 26.28 -40.23 30.80
CA LYS A 315 25.67 -39.74 32.03
C LYS A 315 24.48 -38.85 31.68
N VAL A 316 23.26 -39.42 31.77
CA VAL A 316 22.07 -38.71 31.35
C VAL A 316 21.60 -37.77 32.47
N LYS A 317 21.78 -38.20 33.73
CA LYS A 317 21.35 -37.42 34.88
C LYS A 317 22.16 -36.12 34.96
N GLU A 318 23.48 -36.23 34.75
CA GLU A 318 24.38 -35.08 34.74
C GLU A 318 24.03 -34.15 33.58
N ALA A 319 23.80 -34.75 32.40
CA ALA A 319 23.43 -34.03 31.21
C ALA A 319 22.25 -33.11 31.51
N GLN A 320 21.20 -33.70 32.11
CA GLN A 320 19.93 -33.03 32.35
C GLN A 320 20.13 -31.86 33.31
N ALA A 321 21.11 -32.00 34.20
CA ALA A 321 21.41 -30.99 35.23
C ALA A 321 22.29 -29.90 34.64
N ALA A 322 23.20 -30.30 33.72
CA ALA A 322 23.99 -29.33 32.97
C ALA A 322 23.06 -28.49 32.09
N ALA A 323 22.06 -29.16 31.50
CA ALA A 323 21.01 -28.53 30.71
C ALA A 323 20.23 -27.55 31.58
N GLU A 324 19.93 -27.99 32.81
CA GLU A 324 19.11 -27.24 33.76
C GLU A 324 19.77 -25.92 34.12
N GLN A 325 21.10 -25.84 33.95
CA GLN A 325 21.89 -24.69 34.35
C GLN A 325 21.56 -23.47 33.49
N LEU A 326 20.77 -23.68 32.42
CA LEU A 326 20.29 -22.58 31.60
C LEU A 326 19.18 -21.85 32.37
N LYS A 327 18.60 -22.55 33.34
CA LYS A 327 17.55 -22.02 34.21
C LYS A 327 18.15 -21.33 35.45
N THR A 328 19.49 -21.27 35.59
CA THR A 328 20.05 -20.45 36.64
C THR A 328 19.60 -19.00 36.43
N THR A 329 19.77 -18.15 37.44
CA THR A 329 19.33 -16.77 37.31
C THR A 329 20.20 -16.04 36.30
N ARG A 330 21.51 -16.30 36.32
CA ARG A 330 22.44 -15.58 35.45
C ARG A 330 22.20 -15.95 33.99
N ASN A 331 22.01 -17.25 33.73
CA ASN A 331 21.85 -17.76 32.39
C ASN A 331 20.54 -17.27 31.79
N ALA A 332 19.47 -17.27 32.60
CA ALA A 332 18.17 -16.74 32.18
C ALA A 332 18.29 -15.23 31.98
N TYR A 333 19.10 -14.58 32.81
CA TYR A 333 19.38 -13.16 32.66
C TYR A 333 19.97 -12.94 31.26
N ILE A 334 21.03 -13.71 30.96
CA ILE A 334 21.72 -13.66 29.67
C ILE A 334 20.70 -13.88 28.56
N GLN A 335 19.87 -14.92 28.71
CA GLN A 335 18.91 -15.28 27.67
C GLN A 335 18.00 -14.08 27.38
N LYS A 336 17.40 -13.53 28.45
CA LYS A 336 16.45 -12.43 28.34
C LYS A 336 17.10 -11.24 27.64
N TYR A 337 18.40 -11.03 27.90
CA TYR A 337 19.14 -9.94 27.30
C TYR A 337 19.39 -10.21 25.82
N LEU A 338 19.73 -11.47 25.49
CA LEU A 338 20.01 -11.86 24.12
C LEU A 338 18.72 -11.92 23.32
N ARG A 339 17.61 -12.25 23.99
CA ARG A 339 16.29 -12.18 23.37
C ARG A 339 15.95 -10.71 23.10
N GLY A 340 16.36 -9.84 24.03
CA GLY A 340 16.10 -8.42 23.92
C GLY A 340 16.81 -7.78 22.73
N VAL A 341 18.13 -8.00 22.66
CA VAL A 341 18.99 -7.44 21.62
C VAL A 341 18.46 -7.85 20.24
N GLY A 342 17.84 -9.03 20.16
CA GLY A 342 17.42 -9.64 18.92
C GLY A 342 16.26 -8.92 18.24
N LYS A 343 15.26 -8.53 19.04
CA LYS A 343 14.08 -7.84 18.53
C LYS A 343 14.41 -6.36 18.35
N VAL A 344 14.52 -5.94 17.08
CA VAL A 344 14.72 -4.53 16.73
C VAL A 344 13.62 -4.12 15.76
N PRO A 345 12.39 -3.82 16.24
CA PRO A 345 11.25 -3.51 15.37
C PRO A 345 11.39 -2.19 14.63
N ARG A 346 11.28 -2.25 13.29
CA ARG A 346 11.38 -1.09 12.42
C ARG A 346 10.88 -1.48 11.02
N LYS A 347 9.58 -1.74 10.90
CA LYS A 347 8.96 -2.10 9.65
C LYS A 347 7.86 -1.08 9.32
N LYS A 348 7.60 -0.88 8.02
CA LYS A 348 6.55 0.01 7.56
C LYS A 348 5.20 -0.59 7.92
N VAL A 349 4.26 0.28 8.32
CA VAL A 349 2.93 -0.13 8.75
C VAL A 349 2.22 -0.78 7.58
N ASN A 350 1.52 -1.90 7.85
CA ASN A 350 1.00 -2.78 6.81
C ASN A 350 -0.21 -2.14 6.14
N VAL A 351 -1.38 -2.32 6.76
CA VAL A 351 -2.66 -1.93 6.17
C VAL A 351 -2.73 -0.40 6.07
N LYS A 352 -1.65 0.27 6.48
CA LYS A 352 -1.61 1.73 6.46
C LYS A 352 -1.05 2.19 5.12
N VAL A 353 -0.01 1.50 4.63
CA VAL A 353 0.69 1.95 3.44
C VAL A 353 -0.03 1.42 2.19
N PHE A 354 -0.51 0.18 2.26
CA PHE A 354 -1.15 -0.49 1.15
C PHE A 354 -2.47 0.18 0.73
N ILE A 355 -2.90 1.19 1.50
CA ILE A 355 -4.14 1.88 1.18
C ILE A 355 -4.06 2.45 -0.24
N ILE A 356 -2.89 3.02 -0.57
CA ILE A 356 -2.66 3.65 -1.86
C ILE A 356 -2.87 2.64 -2.99
N ILE A 357 -2.09 1.55 -2.96
CA ILE A 357 -2.23 0.55 -4.01
C ILE A 357 -3.70 0.10 -4.09
N ALA A 358 -4.36 0.02 -2.93
CA ALA A 358 -5.76 -0.38 -2.88
C ALA A 358 -6.62 0.60 -3.68
N VAL A 359 -6.60 1.88 -3.28
CA VAL A 359 -7.35 2.93 -3.94
C VAL A 359 -7.04 2.93 -5.43
N PHE A 360 -5.75 2.82 -5.78
CA PHE A 360 -5.34 2.77 -7.17
C PHE A 360 -6.04 1.61 -7.88
N PHE A 361 -6.13 0.46 -7.22
CA PHE A 361 -6.60 -0.76 -7.87
C PHE A 361 -8.12 -0.75 -7.98
N ILE A 362 -8.79 -0.23 -6.95
CA ILE A 362 -10.24 -0.10 -6.92
C ILE A 362 -10.67 0.84 -8.03
N CYS A 363 -10.02 2.01 -8.11
CA CYS A 363 -10.52 3.13 -8.88
C CYS A 363 -10.02 3.12 -10.33
N PHE A 364 -8.71 2.98 -10.52
CA PHE A 364 -8.12 3.27 -11.82
C PHE A 364 -7.83 2.00 -12.61
N VAL A 365 -7.59 0.89 -11.90
CA VAL A 365 -7.17 -0.34 -12.58
C VAL A 365 -8.27 -0.84 -13.52
N PRO A 366 -9.55 -0.93 -13.09
CA PRO A 366 -10.59 -1.54 -13.91
C PRO A 366 -10.87 -0.84 -15.23
N PHE A 367 -10.97 0.49 -15.20
CA PHE A 367 -11.28 1.27 -16.38
C PHE A 367 -10.27 0.99 -17.51
N HIS A 368 -9.01 0.79 -17.15
CA HIS A 368 -7.98 0.60 -18.16
C HIS A 368 -7.86 -0.89 -18.53
N PHE A 369 -7.97 -1.75 -17.52
CA PHE A 369 -7.86 -3.18 -17.74
C PHE A 369 -8.96 -3.67 -18.66
N ALA A 370 -10.20 -3.22 -18.39
CA ALA A 370 -11.38 -3.74 -19.07
C ALA A 370 -11.41 -3.30 -20.54
N ARG A 371 -10.61 -2.27 -20.86
CA ARG A 371 -10.61 -1.71 -22.20
C ARG A 371 -9.84 -2.62 -23.16
N ILE A 372 -8.69 -3.15 -22.71
CA ILE A 372 -7.71 -3.78 -23.58
C ILE A 372 -8.33 -4.95 -24.38
N PRO A 373 -9.20 -5.81 -23.79
CA PRO A 373 -9.88 -6.85 -24.59
C PRO A 373 -10.61 -6.27 -25.79
N TYR A 374 -11.59 -5.39 -25.55
CA TYR A 374 -12.47 -4.89 -26.59
C TYR A 374 -12.03 -3.50 -27.04
N THR A 375 -10.70 -3.31 -27.12
CA THR A 375 -10.09 -2.20 -27.83
C THR A 375 -9.03 -2.76 -28.77
N LEU A 376 -8.69 -4.04 -28.56
CA LEU A 376 -7.62 -4.70 -29.30
C LEU A 376 -8.10 -6.03 -29.88
N SER A 377 -9.41 -6.31 -29.77
CA SER A 377 -10.01 -7.49 -30.37
C SER A 377 -11.47 -7.21 -30.71
N VAL A 382 -19.26 -5.30 -32.46
CA VAL A 382 -20.20 -6.33 -33.00
C VAL A 382 -21.59 -5.71 -33.14
N PHE A 383 -22.33 -6.18 -34.15
CA PHE A 383 -23.60 -5.61 -34.57
C PHE A 383 -24.66 -5.81 -33.48
N ASP A 384 -24.56 -6.92 -32.73
CA ASP A 384 -25.59 -7.31 -31.78
C ASP A 384 -25.63 -6.34 -30.61
N CYS A 385 -26.82 -6.22 -30.02
CA CYS A 385 -27.15 -5.14 -29.09
C CYS A 385 -26.82 -5.53 -27.66
N THR A 386 -26.64 -6.83 -27.40
CA THR A 386 -26.29 -7.28 -26.06
C THR A 386 -24.80 -7.01 -25.81
N ALA A 387 -23.98 -7.27 -26.82
CA ALA A 387 -22.54 -7.08 -26.73
C ALA A 387 -22.20 -5.58 -26.67
N GLU A 388 -22.95 -4.77 -27.41
CA GLU A 388 -22.72 -3.34 -27.43
C GLU A 388 -23.27 -2.72 -26.15
N ASN A 389 -24.16 -3.47 -25.48
CA ASN A 389 -24.76 -3.04 -24.22
C ASN A 389 -23.88 -3.48 -23.06
N THR A 390 -23.30 -4.67 -23.19
CA THR A 390 -22.33 -5.15 -22.22
C THR A 390 -21.21 -4.11 -22.11
N LEU A 391 -20.80 -3.58 -23.27
CA LEU A 391 -19.69 -2.64 -23.33
C LEU A 391 -20.10 -1.33 -22.68
N PHE A 392 -21.32 -0.86 -23.00
CA PHE A 392 -21.80 0.37 -22.39
C PHE A 392 -21.68 0.26 -20.87
N TYR A 393 -22.18 -0.84 -20.30
CA TYR A 393 -22.26 -0.99 -18.86
C TYR A 393 -20.85 -1.09 -18.25
N VAL A 394 -20.01 -1.94 -18.85
CA VAL A 394 -18.63 -2.13 -18.40
C VAL A 394 -17.93 -0.77 -18.33
N LYS A 395 -17.91 -0.05 -19.46
CA LYS A 395 -17.28 1.26 -19.49
C LYS A 395 -17.85 2.15 -18.39
N GLU A 396 -19.17 2.22 -18.31
CA GLU A 396 -19.87 3.22 -17.51
C GLU A 396 -19.67 2.95 -16.03
N SER A 397 -19.59 1.66 -15.65
CA SER A 397 -19.38 1.32 -14.26
C SER A 397 -17.92 1.49 -13.85
N THR A 398 -16.99 1.11 -14.74
CA THR A 398 -15.57 1.29 -14.47
C THR A 398 -15.28 2.78 -14.29
N LEU A 399 -15.94 3.61 -15.10
CA LEU A 399 -15.81 5.05 -15.05
C LEU A 399 -16.40 5.57 -13.74
N TRP A 400 -17.36 4.83 -13.17
CA TRP A 400 -17.92 5.16 -11.87
C TRP A 400 -16.87 4.91 -10.78
N LEU A 401 -16.16 3.78 -10.91
CA LEU A 401 -15.10 3.38 -10.00
C LEU A 401 -13.99 4.43 -10.03
N THR A 402 -13.70 4.93 -11.23
CA THR A 402 -12.74 6.00 -11.44
C THR A 402 -13.12 7.21 -10.59
N SER A 403 -14.41 7.58 -10.63
CA SER A 403 -14.92 8.78 -9.97
C SER A 403 -14.88 8.58 -8.45
N LEU A 404 -15.05 7.33 -8.02
CA LEU A 404 -15.02 6.93 -6.63
C LEU A 404 -13.71 7.37 -5.96
N ASN A 405 -12.68 7.62 -6.79
CA ASN A 405 -11.36 8.01 -6.33
C ASN A 405 -11.42 9.29 -5.49
N ALA A 406 -12.28 10.23 -5.88
CA ALA A 406 -12.38 11.52 -5.20
C ALA A 406 -12.90 11.33 -3.78
N CYS A 407 -13.51 10.17 -3.51
CA CYS A 407 -14.04 9.87 -2.20
C CYS A 407 -13.07 8.98 -1.42
N LEU A 408 -12.23 8.24 -2.14
CA LEU A 408 -11.30 7.32 -1.50
C LEU A 408 -9.96 7.99 -1.19
N ASN A 409 -9.75 9.21 -1.70
CA ASN A 409 -8.49 9.88 -1.48
C ASN A 409 -8.41 10.39 -0.05
N PRO A 410 -9.49 10.98 0.52
CA PRO A 410 -9.51 11.37 1.92
C PRO A 410 -9.04 10.28 2.88
N PHE A 411 -9.26 9.01 2.49
CA PHE A 411 -8.83 7.87 3.28
C PHE A 411 -7.30 7.82 3.34
N ILE A 412 -6.66 8.15 2.22
CA ILE A 412 -5.20 8.15 2.15
C ILE A 412 -4.65 9.19 3.13
N TYR A 413 -5.27 10.39 3.13
CA TYR A 413 -4.86 11.48 3.99
C TYR A 413 -4.99 11.08 5.45
N PHE A 414 -5.99 10.24 5.75
CA PHE A 414 -6.32 9.90 7.12
C PHE A 414 -5.36 8.83 7.64
N PHE A 415 -5.13 7.80 6.81
CA PHE A 415 -4.41 6.59 7.21
C PHE A 415 -2.90 6.76 7.09
N LEU A 416 -2.43 7.91 6.58
CA LEU A 416 -1.03 8.03 6.18
C LEU A 416 -0.44 9.40 6.56
N CYS A 417 -1.30 10.37 6.90
CA CYS A 417 -0.81 11.66 7.35
C CYS A 417 -1.20 11.86 8.81
N LYS A 418 -0.18 11.98 9.69
CA LYS A 418 -0.36 12.13 11.12
C LYS A 418 -1.16 13.40 11.43
N SER A 419 -0.70 14.53 10.87
CA SER A 419 -1.24 15.85 11.18
C SER A 419 -2.71 15.98 10.76
N PHE A 420 -3.06 15.34 9.64
CA PHE A 420 -4.41 15.36 9.10
C PHE A 420 -5.37 14.70 10.08
N ARG A 421 -5.02 13.49 10.52
CA ARG A 421 -5.82 12.67 11.42
C ARG A 421 -6.05 13.43 12.73
N ASN A 422 -5.17 14.40 13.03
CA ASN A 422 -5.22 15.16 14.26
C ASN A 422 -6.37 16.18 14.21
N SER A 423 -6.40 16.98 13.14
CA SER A 423 -7.49 17.92 12.91
C SER A 423 -8.82 17.18 12.81
N LEU A 424 -8.76 15.97 12.23
CA LEU A 424 -9.93 15.13 12.03
C LEU A 424 -10.37 14.53 13.36
N ILE A 425 -9.42 14.34 14.28
CA ILE A 425 -9.74 13.91 15.64
C ILE A 425 -10.50 15.03 16.34
N SER A 426 -10.16 16.28 15.98
CA SER A 426 -10.77 17.47 16.56
C SER A 426 -11.96 17.94 15.72
N MET A 427 -11.71 18.90 14.82
CA MET A 427 -12.74 19.55 14.03
C MET A 427 -13.39 18.52 13.09
#